data_4KCB
#
_entry.id   4KCB
#
_cell.length_a   140.115
_cell.length_b   140.115
_cell.length_c   159.011
_cell.angle_alpha   90.00
_cell.angle_beta   90.00
_cell.angle_gamma   120.00
#
_symmetry.space_group_name_H-M   'P 63 2 2'
#
loop_
_entity.id
_entity.type
_entity.pdbx_description
1 polymer 'Arabinan endo-1,5-alpha-L-arabinosidase'
2 non-polymer 'PHOSPHATE ION'
3 water water
#
_entity_poly.entity_id   1
_entity_poly.type   'polypeptide(L)'
_entity_poly.pdbx_seq_one_letter_code
;MSDKIIHLTDDSFDTDVLKADGAILVDFWAEWCGPCKMIAPILDEIADEYQGKLTVAKLNIDQNPGTAPKYGIRGIPTLL
LFKNGEVAATKVGALSKGQLKEFLDANLAGSGSGQNEQRRPRFQFDATNPDVHDPVMAREDGKYYIFMTGQAVGSMTSDD
MKSWTPGRGVMPEIPQWAMEAVPGYRGHTWAPDISEHNGTWYMYYSCSTFGKNGSAIGLMTNKTLNPESPDYKWEDKGMV
VRSVQRQTNWNAIDPNLIMDEKGRPWLTWGSFWDGIQLVQLDKDFKTPKGEPKTIARRYLRNQMSQLVSKEDMERANQAP
DAGANAIEAPFIIREGKYYYLFVSWDYCCKGANSNYKTAVGRSKKIEGPYVDRNGKDMAAGGGEVIAQRDDNYFGIGHSS
AYQFDGQWYFMAHGYARANNGASKLVIRKMNFDKDGWPVLEHHHHHH
;
_entity_poly.pdbx_strand_id   A,B
#
loop_
_chem_comp.id
_chem_comp.type
_chem_comp.name
_chem_comp.formula
PO4 non-polymer 'PHOSPHATE ION' 'O4 P -3'
#
# COMPACT_ATOMS: atom_id res chain seq x y z
N ARG A 122 -2.49 16.49 5.50
CA ARG A 122 -3.76 16.68 6.27
C ARG A 122 -4.42 15.33 6.61
N PHE A 123 -4.69 15.12 7.90
CA PHE A 123 -5.29 13.86 8.39
C PHE A 123 -6.83 13.84 8.34
N GLN A 124 -7.38 12.73 7.83
CA GLN A 124 -8.83 12.55 7.71
C GLN A 124 -9.18 11.06 7.72
N PHE A 125 -10.28 10.71 8.38
CA PHE A 125 -10.78 9.34 8.33
C PHE A 125 -11.94 9.18 7.33
N ASP A 126 -12.86 10.15 7.34
CA ASP A 126 -14.07 10.09 6.53
C ASP A 126 -14.93 8.92 7.01
N ALA A 127 -15.64 9.15 8.12
CA ALA A 127 -16.43 8.11 8.79
C ALA A 127 -17.53 7.53 7.90
N THR A 128 -18.10 8.39 7.04
CA THR A 128 -19.19 7.99 6.15
C THR A 128 -18.68 7.29 4.89
N ASN A 129 -17.40 7.46 4.60
CA ASN A 129 -16.80 6.76 3.47
C ASN A 129 -15.38 6.32 3.77
N PRO A 130 -15.24 5.21 4.51
CA PRO A 130 -13.94 4.81 5.03
C PRO A 130 -13.16 3.86 4.11
N ASP A 131 -11.84 3.94 4.20
CA ASP A 131 -10.94 3.01 3.55
C ASP A 131 -11.12 1.64 4.15
N VAL A 132 -11.27 0.63 3.28
CA VAL A 132 -11.44 -0.74 3.71
C VAL A 132 -10.94 -1.68 2.63
N HIS A 133 -10.30 -2.77 3.02
CA HIS A 133 -9.93 -3.81 2.06
C HIS A 133 -10.30 -5.21 2.56
N ASP A 134 -10.98 -5.95 1.68
CA ASP A 134 -11.46 -7.31 1.95
C ASP A 134 -12.34 -7.38 3.21
N PRO A 135 -13.45 -6.61 3.22
CA PRO A 135 -14.27 -6.50 4.43
C PRO A 135 -15.25 -7.65 4.63
N VAL A 136 -15.66 -7.82 5.88
CA VAL A 136 -16.62 -8.82 6.31
C VAL A 136 -17.38 -8.14 7.47
N MET A 137 -18.65 -8.46 7.65
CA MET A 137 -19.47 -7.75 8.63
C MET A 137 -20.22 -8.65 9.60
N ALA A 138 -20.42 -8.15 10.82
CA ALA A 138 -21.27 -8.82 11.82
C ALA A 138 -22.02 -7.79 12.68
N ARG A 139 -23.11 -8.24 13.31
CA ARG A 139 -23.88 -7.38 14.22
C ARG A 139 -24.13 -8.06 15.55
N GLU A 140 -23.82 -7.35 16.63
CA GLU A 140 -24.15 -7.78 17.99
C GLU A 140 -24.68 -6.61 18.83
N ASP A 141 -25.84 -6.85 19.47
CA ASP A 141 -26.47 -5.86 20.34
C ASP A 141 -26.61 -4.49 19.68
N GLY A 142 -27.19 -4.49 18.48
CA GLY A 142 -27.44 -3.25 17.73
C GLY A 142 -26.21 -2.47 17.32
N LYS A 143 -25.05 -3.12 17.34
CA LYS A 143 -23.81 -2.52 16.86
C LYS A 143 -23.22 -3.30 15.70
N TYR A 144 -22.74 -2.57 14.69
CA TYR A 144 -22.13 -3.17 13.52
C TYR A 144 -20.62 -3.26 13.65
N TYR A 145 -20.08 -4.44 13.35
CA TYR A 145 -18.65 -4.72 13.41
C TYR A 145 -18.13 -5.10 12.04
N ILE A 146 -17.11 -4.37 11.57
CA ILE A 146 -16.43 -4.70 10.31
C ILE A 146 -15.01 -5.20 10.55
N PHE A 147 -14.70 -6.36 9.97
CA PHE A 147 -13.35 -6.91 10.03
C PHE A 147 -12.75 -6.97 8.65
N MET A 148 -11.49 -6.57 8.54
CA MET A 148 -10.86 -6.40 7.23
C MET A 148 -9.41 -6.83 7.26
N THR A 149 -8.76 -6.75 6.10
CA THR A 149 -7.34 -6.99 5.98
C THR A 149 -6.60 -5.90 6.75
N GLY A 150 -5.72 -6.30 7.66
CA GLY A 150 -4.89 -5.35 8.41
C GLY A 150 -3.94 -6.03 9.38
N GLN A 151 -3.17 -5.25 10.13
CA GLN A 151 -2.35 -5.81 11.21
C GLN A 151 -3.26 -6.45 12.25
N ALA A 152 -2.99 -7.73 12.55
CA ALA A 152 -3.76 -8.51 13.51
C ALA A 152 -5.25 -8.62 13.14
N VAL A 153 -5.56 -8.46 11.85
CA VAL A 153 -6.93 -8.29 11.35
C VAL A 153 -7.49 -6.94 11.79
N GLY A 154 -7.80 -6.08 10.81
CA GLY A 154 -8.31 -4.75 11.12
C GLY A 154 -9.76 -4.76 11.53
N SER A 155 -10.20 -3.70 12.21
CA SER A 155 -11.59 -3.61 12.65
C SER A 155 -12.19 -2.20 12.55
N MET A 156 -13.51 -2.16 12.44
CA MET A 156 -14.28 -0.93 12.43
C MET A 156 -15.59 -1.14 13.16
N THR A 157 -16.23 -0.03 13.53
CA THR A 157 -17.41 -0.06 14.38
C THR A 157 -18.40 1.03 14.00
N SER A 158 -19.67 0.65 13.87
CA SER A 158 -20.74 1.60 13.56
C SER A 158 -21.99 1.26 14.36
N ASP A 159 -22.72 2.30 14.76
CA ASP A 159 -23.98 2.12 15.47
C ASP A 159 -25.16 1.96 14.54
N ASP A 160 -24.98 2.35 13.28
CA ASP A 160 -26.09 2.44 12.33
C ASP A 160 -25.72 1.95 10.93
N MET A 161 -24.52 1.38 10.79
CA MET A 161 -24.01 0.90 9.51
C MET A 161 -23.72 2.05 8.53
N LYS A 162 -23.58 3.27 9.05
CA LYS A 162 -23.34 4.45 8.21
C LYS A 162 -22.09 5.26 8.58
N SER A 163 -21.80 5.37 9.87
CA SER A 163 -20.61 6.09 10.32
C SER A 163 -19.70 5.16 11.10
N TRP A 164 -18.46 5.05 10.67
CA TRP A 164 -17.57 4.03 11.19
C TRP A 164 -16.46 4.61 12.03
N THR A 165 -15.91 3.76 12.90
CA THR A 165 -14.85 4.18 13.81
C THR A 165 -13.80 3.08 13.82
N PRO A 166 -12.54 3.45 13.56
CA PRO A 166 -11.48 2.44 13.54
C PRO A 166 -11.28 1.88 14.94
N GLY A 167 -10.96 0.60 15.02
CA GLY A 167 -10.72 -0.05 16.30
C GLY A 167 -9.33 -0.65 16.38
N ARG A 168 -9.13 -1.50 17.39
CA ARG A 168 -7.88 -2.21 17.58
C ARG A 168 -7.80 -3.41 16.64
N GLY A 169 -6.59 -3.87 16.36
CA GLY A 169 -6.40 -5.13 15.66
C GLY A 169 -7.05 -6.22 16.49
N VAL A 170 -7.61 -7.22 15.82
CA VAL A 170 -8.38 -8.25 16.50
C VAL A 170 -7.48 -9.18 17.30
N MET A 171 -6.52 -9.80 16.62
CA MET A 171 -5.59 -10.75 17.24
C MET A 171 -4.90 -10.15 18.46
N PRO A 172 -5.02 -10.81 19.63
CA PRO A 172 -4.35 -10.36 20.86
C PRO A 172 -2.83 -10.50 20.75
N GLU A 173 -2.38 -11.50 19.99
CA GLU A 173 -1.01 -11.65 19.57
C GLU A 173 -1.01 -12.37 18.23
N ILE A 174 0.08 -12.27 17.49
CA ILE A 174 0.18 -12.95 16.20
C ILE A 174 0.69 -14.38 16.39
N PRO A 175 -0.18 -15.39 16.14
CA PRO A 175 0.10 -16.80 16.43
C PRO A 175 1.38 -17.35 15.79
N GLN A 176 2.09 -18.17 16.57
CA GLN A 176 3.38 -18.73 16.21
C GLN A 176 3.28 -19.70 15.03
N TRP A 177 2.26 -20.56 15.07
CA TRP A 177 2.08 -21.59 14.07
C TRP A 177 1.99 -21.01 12.66
N ALA A 178 1.51 -19.78 12.57
CA ALA A 178 1.26 -19.10 11.30
C ALA A 178 2.55 -18.56 10.72
N MET A 179 3.29 -17.83 11.56
CA MET A 179 4.58 -17.26 11.18
C MET A 179 5.56 -18.33 10.73
N GLU A 180 5.40 -19.54 11.28
CA GLU A 180 6.24 -20.67 10.93
C GLU A 180 5.85 -21.32 9.62
N ALA A 181 4.55 -21.56 9.43
CA ALA A 181 4.03 -22.24 8.25
C ALA A 181 4.10 -21.38 7.00
N VAL A 182 3.88 -20.07 7.17
CA VAL A 182 4.02 -19.11 6.08
C VAL A 182 5.22 -18.19 6.33
N PRO A 183 6.36 -18.49 5.69
CA PRO A 183 7.51 -17.60 5.83
C PRO A 183 7.19 -16.24 5.23
N GLY A 184 7.56 -15.18 5.95
CA GLY A 184 7.22 -13.81 5.54
C GLY A 184 6.06 -13.23 6.33
N TYR A 185 5.11 -14.07 6.74
CA TYR A 185 3.94 -13.58 7.48
C TYR A 185 4.32 -13.08 8.87
N ARG A 186 3.93 -11.84 9.16
CA ARG A 186 4.32 -11.18 10.41
C ARG A 186 3.16 -10.52 11.13
N GLY A 187 1.93 -10.89 10.77
CA GLY A 187 0.74 -10.33 11.40
C GLY A 187 -0.15 -9.49 10.51
N HIS A 188 0.27 -9.25 9.28
CA HIS A 188 -0.60 -8.58 8.31
C HIS A 188 -1.48 -9.63 7.63
N THR A 189 -2.70 -9.72 8.15
CA THR A 189 -3.62 -10.83 7.89
C THR A 189 -4.68 -10.44 6.86
N TRP A 190 -5.09 -11.39 6.03
CA TRP A 190 -6.01 -11.08 4.92
C TRP A 190 -7.40 -11.68 5.09
N ALA A 191 -8.39 -11.01 4.50
CA ALA A 191 -9.75 -11.52 4.34
C ALA A 191 -10.26 -12.42 5.46
N PRO A 192 -10.63 -11.83 6.60
CA PRO A 192 -11.23 -12.64 7.65
C PRO A 192 -12.66 -13.03 7.28
N ASP A 193 -13.20 -14.04 7.95
CA ASP A 193 -14.61 -14.35 7.83
C ASP A 193 -15.19 -14.48 9.22
N ILE A 194 -16.38 -13.91 9.42
CA ILE A 194 -17.03 -13.89 10.72
C ILE A 194 -18.47 -14.40 10.64
N SER A 195 -18.88 -15.13 11.66
CA SER A 195 -20.22 -15.70 11.77
C SER A 195 -20.44 -16.21 13.18
N GLU A 196 -21.70 -16.28 13.59
CA GLU A 196 -22.06 -16.78 14.91
C GLU A 196 -22.83 -18.08 14.83
N HIS A 197 -22.38 -19.07 15.59
CA HIS A 197 -23.07 -20.36 15.68
C HIS A 197 -23.04 -20.85 17.13
N ASN A 198 -24.24 -21.00 17.70
CA ASN A 198 -24.44 -21.34 19.12
C ASN A 198 -23.67 -20.44 20.07
N GLY A 199 -23.93 -19.14 19.99
CA GLY A 199 -23.30 -18.15 20.87
C GLY A 199 -21.77 -18.11 20.83
N THR A 200 -21.19 -18.75 19.82
CA THR A 200 -19.75 -18.64 19.56
C THR A 200 -19.48 -17.99 18.20
N TRP A 201 -18.66 -16.95 18.23
CA TRP A 201 -18.20 -16.27 17.02
C TRP A 201 -16.96 -16.96 16.47
N TYR A 202 -17.01 -17.36 15.20
CA TYR A 202 -15.87 -17.99 14.55
C TYR A 202 -15.27 -17.03 13.52
N MET A 203 -14.00 -16.70 13.70
CA MET A 203 -13.30 -15.89 12.70
C MET A 203 -12.15 -16.60 12.01
N TYR A 204 -12.37 -16.88 10.74
CA TYR A 204 -11.34 -17.44 9.88
C TYR A 204 -10.50 -16.31 9.31
N TYR A 205 -9.22 -16.58 9.07
CA TYR A 205 -8.30 -15.57 8.57
C TYR A 205 -7.22 -16.16 7.67
N SER A 206 -6.73 -15.34 6.73
CA SER A 206 -5.72 -15.78 5.76
C SER A 206 -4.31 -15.28 6.10
N CYS A 207 -3.33 -16.15 5.91
CA CYS A 207 -1.92 -15.78 6.06
C CYS A 207 -1.16 -16.15 4.79
N SER A 208 -0.58 -15.14 4.14
CA SER A 208 0.10 -15.33 2.87
C SER A 208 1.05 -14.19 2.56
N THR A 209 1.68 -14.27 1.39
CA THR A 209 2.49 -13.18 0.83
C THR A 209 2.03 -13.00 -0.63
N PHE A 210 1.82 -11.75 -1.04
CA PHE A 210 1.19 -11.48 -2.35
C PHE A 210 1.80 -12.24 -3.52
N GLY A 211 0.92 -12.83 -4.34
CA GLY A 211 1.33 -13.47 -5.59
C GLY A 211 1.72 -14.93 -5.46
N LYS A 212 2.00 -15.37 -4.23
CA LYS A 212 2.41 -16.75 -3.97
C LYS A 212 1.28 -17.53 -3.26
N ASN A 213 1.31 -18.86 -3.40
CA ASN A 213 0.34 -19.72 -2.70
C ASN A 213 0.91 -20.56 -1.56
N GLY A 214 1.93 -20.04 -0.88
CA GLY A 214 2.39 -20.62 0.37
C GLY A 214 1.57 -20.00 1.47
N SER A 215 0.37 -20.52 1.67
CA SER A 215 -0.63 -19.87 2.50
C SER A 215 -1.27 -20.82 3.50
N ALA A 216 -1.87 -20.25 4.54
CA ALA A 216 -2.63 -21.01 5.51
C ALA A 216 -3.84 -20.24 6.02
N ILE A 217 -4.97 -20.92 6.13
CA ILE A 217 -6.17 -20.40 6.77
C ILE A 217 -6.21 -20.82 8.24
N GLY A 218 -6.33 -19.87 9.14
CA GLY A 218 -6.50 -20.18 10.56
C GLY A 218 -7.88 -19.85 11.10
N LEU A 219 -8.20 -20.37 12.28
CA LEU A 219 -9.46 -20.05 12.94
C LEU A 219 -9.20 -19.57 14.35
N MET A 220 -10.00 -18.60 14.80
CA MET A 220 -10.08 -18.24 16.21
C MET A 220 -11.54 -17.99 16.60
N THR A 221 -11.84 -18.23 17.87
CA THR A 221 -13.21 -18.14 18.38
C THR A 221 -13.33 -17.17 19.56
N ASN A 222 -14.54 -16.62 19.75
CA ASN A 222 -14.83 -15.72 20.86
C ASN A 222 -16.28 -15.84 21.29
N LYS A 223 -16.53 -15.63 22.58
CA LYS A 223 -17.88 -15.67 23.11
C LYS A 223 -18.70 -14.42 22.77
N THR A 224 -18.03 -13.26 22.74
CA THR A 224 -18.69 -12.00 22.39
C THR A 224 -17.79 -11.15 21.47
N LEU A 225 -18.39 -10.16 20.80
CA LEU A 225 -17.66 -9.25 19.92
C LEU A 225 -17.37 -7.88 20.54
N ASN A 226 -18.08 -7.56 21.63
CA ASN A 226 -17.82 -6.32 22.38
C ASN A 226 -16.54 -6.43 23.22
N PRO A 227 -15.53 -5.59 22.90
CA PRO A 227 -14.24 -5.66 23.61
C PRO A 227 -14.28 -5.12 25.04
N GLU A 228 -15.32 -4.37 25.39
CA GLU A 228 -15.49 -3.89 26.77
C GLU A 228 -16.15 -4.96 27.65
N SER A 229 -16.62 -6.03 27.02
CA SER A 229 -17.25 -7.15 27.75
C SER A 229 -16.18 -7.98 28.45
N PRO A 230 -16.50 -8.47 29.67
CA PRO A 230 -15.55 -9.34 30.39
C PRO A 230 -15.42 -10.74 29.80
N ASP A 231 -16.34 -11.10 28.91
CA ASP A 231 -16.30 -12.41 28.24
C ASP A 231 -15.47 -12.38 26.95
N TYR A 232 -15.03 -11.18 26.56
CA TYR A 232 -14.29 -10.96 25.32
C TYR A 232 -12.86 -11.50 25.40
N LYS A 233 -12.61 -12.59 24.68
CA LYS A 233 -11.27 -13.16 24.57
C LYS A 233 -11.18 -14.04 23.33
N TRP A 234 -10.33 -13.66 22.38
CA TRP A 234 -10.10 -14.47 21.17
C TRP A 234 -9.13 -15.63 21.43
N GLU A 235 -9.66 -16.85 21.40
CA GLU A 235 -8.86 -18.05 21.54
C GLU A 235 -8.49 -18.53 20.15
N ASP A 236 -7.21 -18.53 19.79
CA ASP A 236 -6.81 -19.09 18.51
C ASP A 236 -6.89 -20.61 18.53
N LYS A 237 -7.39 -21.17 17.43
CA LYS A 237 -7.59 -22.60 17.29
C LYS A 237 -6.68 -23.21 16.22
N GLY A 238 -5.66 -22.45 15.82
CA GLY A 238 -4.65 -22.94 14.87
C GLY A 238 -5.12 -23.08 13.43
N MET A 239 -4.42 -23.93 12.68
CA MET A 239 -4.61 -24.08 11.24
C MET A 239 -5.83 -24.89 10.81
N VAL A 240 -6.54 -24.37 9.80
CA VAL A 240 -7.66 -25.06 9.17
C VAL A 240 -7.19 -25.79 7.92
N VAL A 241 -6.64 -25.04 6.97
CA VAL A 241 -6.14 -25.62 5.71
C VAL A 241 -4.97 -24.81 5.15
N ARG A 242 -4.03 -25.52 4.52
CA ARG A 242 -2.79 -24.93 4.05
C ARG A 242 -2.58 -25.23 2.56
N SER A 243 -2.00 -24.27 1.85
CA SER A 243 -1.48 -24.53 0.51
C SER A 243 0.03 -24.32 0.46
N VAL A 244 0.71 -25.16 -0.31
CA VAL A 244 2.17 -25.12 -0.36
C VAL A 244 2.70 -24.93 -1.79
N GLN A 245 3.77 -24.13 -1.88
CA GLN A 245 4.41 -23.72 -3.14
C GLN A 245 4.80 -24.86 -4.06
N ARG A 246 4.61 -24.64 -5.37
CA ARG A 246 4.99 -25.60 -6.44
C ARG A 246 4.32 -26.97 -6.33
N GLN A 247 3.31 -27.09 -5.47
CA GLN A 247 2.68 -28.39 -5.18
C GLN A 247 1.14 -28.37 -5.19
N THR A 248 0.54 -27.47 -4.41
CA THR A 248 -0.91 -27.39 -4.34
C THR A 248 -1.46 -26.55 -5.49
N ASN A 249 -2.51 -27.04 -6.13
CA ASN A 249 -3.12 -26.30 -7.25
C ASN A 249 -4.29 -25.38 -6.82
N TRP A 250 -4.19 -24.85 -5.61
CA TRP A 250 -5.10 -23.82 -5.12
C TRP A 250 -4.43 -23.04 -4.01
N ASN A 251 -5.02 -21.92 -3.63
CA ASN A 251 -4.40 -21.02 -2.68
C ASN A 251 -5.20 -20.92 -1.39
N ALA A 252 -4.53 -21.13 -0.26
CA ALA A 252 -5.19 -21.21 1.04
C ALA A 252 -5.47 -19.84 1.65
N ILE A 253 -6.26 -19.03 0.92
CA ILE A 253 -6.73 -17.73 1.41
C ILE A 253 -8.19 -17.54 1.03
N ASP A 254 -8.81 -16.51 1.60
CA ASP A 254 -10.20 -16.11 1.31
C ASP A 254 -11.29 -17.04 1.81
N PRO A 255 -11.26 -17.41 3.10
CA PRO A 255 -12.19 -18.41 3.65
C PRO A 255 -13.62 -17.88 3.84
N ASN A 256 -14.58 -18.80 3.82
CA ASN A 256 -15.98 -18.49 4.10
C ASN A 256 -16.68 -19.71 4.69
N LEU A 257 -17.16 -19.58 5.92
CA LEU A 257 -17.91 -20.64 6.57
C LEU A 257 -19.38 -20.62 6.19
N ILE A 258 -19.89 -21.77 5.76
CA ILE A 258 -21.29 -21.92 5.37
C ILE A 258 -21.86 -23.25 5.90
N MET A 259 -23.02 -23.15 6.54
CA MET A 259 -23.67 -24.27 7.18
C MET A 259 -24.68 -24.88 6.20
N ASP A 260 -24.81 -26.20 6.19
CA ASP A 260 -25.86 -26.86 5.39
C ASP A 260 -27.20 -26.95 6.15
N GLU A 261 -28.25 -27.46 5.48
CA GLU A 261 -29.55 -27.59 6.15
C GLU A 261 -29.55 -28.63 7.27
N LYS A 262 -28.50 -29.46 7.31
CA LYS A 262 -28.33 -30.48 8.35
C LYS A 262 -27.48 -29.96 9.50
N GLY A 263 -27.03 -28.71 9.41
CA GLY A 263 -26.27 -28.06 10.48
C GLY A 263 -24.78 -28.32 10.51
N ARG A 264 -24.25 -28.95 9.47
CA ARG A 264 -22.82 -29.29 9.38
C ARG A 264 -22.02 -28.20 8.66
N PRO A 265 -20.81 -27.89 9.16
CA PRO A 265 -20.03 -26.80 8.60
C PRO A 265 -19.29 -27.16 7.31
N TRP A 266 -19.30 -26.23 6.36
CA TRP A 266 -18.51 -26.32 5.15
C TRP A 266 -17.70 -25.03 4.93
N LEU A 267 -16.54 -25.16 4.32
CA LEU A 267 -15.68 -24.02 4.01
C LEU A 267 -15.47 -23.84 2.51
N THR A 268 -15.53 -22.58 2.06
CA THR A 268 -15.08 -22.24 0.72
C THR A 268 -13.90 -21.32 0.91
N TRP A 269 -12.91 -21.47 0.03
CA TRP A 269 -11.79 -20.55 -0.01
C TRP A 269 -11.21 -20.61 -1.40
N GLY A 270 -10.15 -19.86 -1.63
CA GLY A 270 -9.36 -19.98 -2.84
C GLY A 270 -9.19 -18.70 -3.61
N SER A 271 -8.12 -18.67 -4.40
CA SER A 271 -7.76 -17.51 -5.20
C SER A 271 -6.78 -17.94 -6.28
N PHE A 272 -7.19 -17.81 -7.53
CA PHE A 272 -6.38 -18.24 -8.67
C PHE A 272 -6.03 -19.73 -8.63
N TRP A 273 -4.97 -20.10 -9.36
CA TRP A 273 -4.64 -21.50 -9.62
C TRP A 273 -5.87 -22.23 -10.13
N ASP A 274 -6.17 -23.43 -9.63
CA ASP A 274 -7.30 -24.18 -10.16
C ASP A 274 -8.65 -23.53 -9.84
N GLY A 275 -8.71 -22.77 -8.74
CA GLY A 275 -9.88 -21.94 -8.46
C GLY A 275 -10.44 -22.05 -7.07
N ILE A 276 -11.77 -22.11 -7.01
CA ILE A 276 -12.51 -22.04 -5.75
C ILE A 276 -12.77 -23.43 -5.18
N GLN A 277 -12.31 -23.64 -3.95
CA GLN A 277 -12.40 -24.95 -3.31
C GLN A 277 -13.56 -25.06 -2.34
N LEU A 278 -14.10 -26.27 -2.22
CA LEU A 278 -15.13 -26.57 -1.24
C LEU A 278 -14.79 -27.87 -0.50
N VAL A 279 -14.84 -27.81 0.82
CA VAL A 279 -14.67 -29.00 1.65
C VAL A 279 -15.56 -28.95 2.90
N GLN A 280 -16.15 -30.09 3.23
CA GLN A 280 -16.91 -30.20 4.46
C GLN A 280 -15.94 -30.24 5.64
N LEU A 281 -16.33 -29.56 6.72
CA LEU A 281 -15.52 -29.53 7.93
C LEU A 281 -16.13 -30.43 9.00
N ASP A 282 -15.25 -31.11 9.73
CA ASP A 282 -15.61 -31.79 10.97
C ASP A 282 -16.21 -30.78 11.95
N LYS A 283 -17.12 -31.26 12.80
CA LYS A 283 -17.87 -30.43 13.76
C LYS A 283 -17.05 -29.54 14.70
N ASP A 284 -15.73 -29.66 14.66
CA ASP A 284 -14.85 -28.78 15.43
C ASP A 284 -14.52 -27.49 14.68
N PHE A 285 -15.06 -27.38 13.46
CA PHE A 285 -14.96 -26.16 12.65
C PHE A 285 -13.57 -25.90 12.05
N LYS A 286 -12.63 -26.82 12.23
CA LYS A 286 -11.26 -26.59 11.77
C LYS A 286 -10.59 -27.72 10.99
N THR A 287 -10.96 -28.97 11.25
CA THR A 287 -10.34 -30.04 10.46
C THR A 287 -11.26 -30.45 9.33
N PRO A 288 -10.73 -30.42 8.09
CA PRO A 288 -11.50 -30.86 6.91
C PRO A 288 -11.79 -32.35 6.98
N LYS A 289 -12.80 -32.80 6.25
CA LYS A 289 -13.01 -34.24 6.16
C LYS A 289 -12.12 -34.84 5.06
N GLY A 290 -12.62 -34.92 3.83
CA GLY A 290 -11.79 -35.46 2.75
C GLY A 290 -10.86 -34.43 2.14
N GLU A 291 -10.57 -34.61 0.86
CA GLU A 291 -9.92 -33.58 0.05
C GLU A 291 -10.95 -32.56 -0.41
N PRO A 292 -10.48 -31.34 -0.76
CA PRO A 292 -11.38 -30.36 -1.35
C PRO A 292 -11.79 -30.73 -2.77
N LYS A 293 -12.70 -29.96 -3.32
CA LYS A 293 -13.19 -30.16 -4.66
C LYS A 293 -13.40 -28.79 -5.27
N THR A 294 -12.89 -28.59 -6.49
CA THR A 294 -12.99 -27.31 -7.17
C THR A 294 -14.43 -27.06 -7.56
N ILE A 295 -14.90 -25.85 -7.30
CA ILE A 295 -16.32 -25.59 -7.36
C ILE A 295 -16.72 -24.46 -8.32
N ALA A 296 -15.76 -23.58 -8.60
CA ALA A 296 -15.94 -22.48 -9.55
C ALA A 296 -14.59 -22.06 -10.16
N ARG A 297 -14.62 -21.76 -11.44
CA ARG A 297 -13.44 -21.31 -12.19
C ARG A 297 -13.77 -20.00 -12.91
N ARG A 298 -12.74 -19.27 -13.35
CA ARG A 298 -12.97 -18.05 -14.15
C ARG A 298 -13.26 -18.34 -15.62
N TYR A 299 -12.49 -19.24 -16.23
CA TYR A 299 -12.67 -19.58 -17.64
C TYR A 299 -12.33 -21.06 -17.90
N LEU A 300 -12.55 -21.50 -19.15
CA LEU A 300 -12.28 -22.86 -19.67
C LEU A 300 -13.37 -23.88 -19.32
N ALA A 322 0.26 -18.76 -10.34
CA ALA A 322 -1.08 -18.16 -10.29
C ALA A 322 -1.92 -18.43 -11.54
N GLY A 323 -1.29 -18.32 -12.71
CA GLY A 323 -1.99 -18.45 -13.98
C GLY A 323 -2.92 -17.27 -14.25
N ALA A 324 -3.96 -17.53 -15.02
CA ALA A 324 -4.91 -16.50 -15.44
C ALA A 324 -6.34 -16.87 -15.04
N ASN A 325 -6.46 -17.77 -14.08
CA ASN A 325 -7.77 -18.14 -13.55
C ASN A 325 -8.14 -17.15 -12.47
N ALA A 326 -8.49 -15.93 -12.89
CA ALA A 326 -8.78 -14.83 -11.98
C ALA A 326 -10.11 -15.04 -11.31
N ILE A 327 -10.08 -15.79 -10.21
CA ILE A 327 -11.25 -16.02 -9.38
C ILE A 327 -10.78 -16.11 -7.94
N GLU A 328 -11.54 -15.49 -7.04
CA GLU A 328 -11.20 -15.49 -5.62
C GLU A 328 -12.38 -15.04 -4.77
N ALA A 329 -12.15 -14.93 -3.46
CA ALA A 329 -13.14 -14.41 -2.51
C ALA A 329 -14.50 -15.07 -2.66
N PRO A 330 -14.57 -16.38 -2.37
CA PRO A 330 -15.86 -17.03 -2.47
C PRO A 330 -16.72 -16.73 -1.24
N PHE A 331 -18.03 -16.68 -1.44
CA PHE A 331 -18.96 -16.44 -0.35
C PHE A 331 -20.30 -17.08 -0.68
N ILE A 332 -20.71 -18.04 0.14
CA ILE A 332 -21.98 -18.76 -0.06
C ILE A 332 -23.02 -18.40 0.99
N ILE A 333 -24.25 -18.18 0.54
CA ILE A 333 -25.37 -17.92 1.44
C ILE A 333 -26.54 -18.81 1.08
N ARG A 334 -27.38 -19.10 2.07
CA ARG A 334 -28.61 -19.85 1.85
C ARG A 334 -29.82 -18.91 1.76
N GLU A 335 -30.51 -18.97 0.62
CA GLU A 335 -31.75 -18.21 0.41
C GLU A 335 -32.69 -19.02 -0.46
N GLY A 336 -33.93 -19.16 0.02
CA GLY A 336 -34.97 -19.88 -0.70
C GLY A 336 -34.56 -21.33 -0.89
N LYS A 337 -34.73 -21.82 -2.11
CA LYS A 337 -34.42 -23.20 -2.47
C LYS A 337 -32.93 -23.43 -2.81
N TYR A 338 -32.16 -22.35 -2.93
CA TYR A 338 -30.80 -22.40 -3.46
C TYR A 338 -29.69 -21.93 -2.54
N TYR A 339 -28.47 -22.43 -2.79
CA TYR A 339 -27.25 -21.82 -2.29
C TYR A 339 -26.72 -20.92 -3.38
N TYR A 340 -26.33 -19.70 -3.01
CA TYR A 340 -25.75 -18.77 -3.97
C TYR A 340 -24.28 -18.59 -3.65
N LEU A 341 -23.45 -18.94 -4.63
CA LEU A 341 -22.02 -18.72 -4.47
C LEU A 341 -21.64 -17.41 -5.14
N PHE A 342 -21.10 -16.50 -4.34
CA PHE A 342 -20.59 -15.24 -4.83
C PHE A 342 -19.09 -15.35 -4.97
N VAL A 343 -18.59 -14.96 -6.14
CA VAL A 343 -17.15 -14.94 -6.40
C VAL A 343 -16.70 -13.61 -6.99
N SER A 344 -15.42 -13.31 -6.80
CA SER A 344 -14.82 -12.16 -7.43
C SER A 344 -14.02 -12.57 -8.68
N TRP A 345 -14.30 -11.91 -9.79
CA TRP A 345 -13.55 -12.11 -11.01
C TRP A 345 -12.54 -11.01 -11.24
N ASP A 346 -11.44 -11.38 -11.88
CA ASP A 346 -10.48 -10.44 -12.46
C ASP A 346 -9.59 -9.77 -11.42
N TYR A 347 -9.14 -8.54 -11.68
CA TYR A 347 -7.97 -8.04 -10.94
C TYR A 347 -8.21 -6.91 -9.96
N CYS A 348 -7.99 -7.24 -8.68
CA CYS A 348 -8.00 -6.29 -7.59
C CYS A 348 -6.65 -5.64 -7.52
N CYS A 349 -6.47 -4.80 -6.51
CA CYS A 349 -5.16 -4.50 -5.97
C CYS A 349 -4.26 -3.72 -6.95
N LYS A 350 -4.87 -3.10 -7.95
CA LYS A 350 -4.14 -2.35 -8.96
C LYS A 350 -4.59 -0.89 -9.00
N GLY A 351 -5.08 -0.39 -7.87
CA GLY A 351 -5.57 0.98 -7.76
C GLY A 351 -6.61 1.29 -8.81
N ALA A 352 -6.57 2.51 -9.32
CA ALA A 352 -7.46 2.99 -10.37
C ALA A 352 -7.42 2.17 -11.67
N ASN A 353 -6.50 1.20 -11.75
CA ASN A 353 -6.40 0.34 -12.92
C ASN A 353 -6.95 -1.08 -12.66
N SER A 354 -7.60 -1.26 -11.51
CA SER A 354 -8.25 -2.53 -11.18
C SER A 354 -9.52 -2.73 -12.02
N ASN A 355 -9.83 -3.98 -12.36
CA ASN A 355 -11.03 -4.29 -13.12
C ASN A 355 -11.93 -5.30 -12.41
N TYR A 356 -11.60 -5.55 -11.14
CA TYR A 356 -12.35 -6.42 -10.22
C TYR A 356 -13.85 -6.34 -10.43
N LYS A 357 -14.51 -7.50 -10.41
CA LYS A 357 -15.96 -7.57 -10.52
C LYS A 357 -16.47 -8.75 -9.72
N THR A 358 -17.77 -8.77 -9.45
CA THR A 358 -18.36 -9.82 -8.64
C THR A 358 -19.42 -10.59 -9.43
N ALA A 359 -19.31 -11.92 -9.43
CA ALA A 359 -20.28 -12.76 -10.13
C ALA A 359 -21.01 -13.71 -9.19
N VAL A 360 -22.16 -14.21 -9.65
CA VAL A 360 -22.99 -15.11 -8.85
C VAL A 360 -23.53 -16.30 -9.66
N GLY A 361 -23.70 -17.43 -8.97
CA GLY A 361 -24.33 -18.63 -9.53
C GLY A 361 -25.07 -19.37 -8.42
N ARG A 362 -25.86 -20.39 -8.78
CA ARG A 362 -26.70 -21.06 -7.79
C ARG A 362 -26.82 -22.58 -7.90
N SER A 363 -27.15 -23.20 -6.77
CA SER A 363 -27.31 -24.65 -6.67
C SER A 363 -28.24 -25.00 -5.51
N LYS A 364 -29.13 -25.97 -5.73
CA LYS A 364 -29.99 -26.49 -4.66
C LYS A 364 -29.20 -27.29 -3.63
N LYS A 365 -28.19 -28.02 -4.10
CA LYS A 365 -27.28 -28.76 -3.23
C LYS A 365 -26.02 -27.95 -2.93
N ILE A 366 -25.48 -28.08 -1.72
CA ILE A 366 -24.30 -27.31 -1.31
C ILE A 366 -23.04 -27.66 -2.11
N GLU A 367 -22.82 -28.95 -2.36
CA GLU A 367 -21.70 -29.40 -3.20
C GLU A 367 -22.05 -29.19 -4.66
N GLY A 368 -23.34 -29.36 -4.95
CA GLY A 368 -23.86 -29.55 -6.31
C GLY A 368 -23.46 -28.45 -7.25
N PRO A 369 -23.49 -28.73 -8.57
CA PRO A 369 -22.98 -27.81 -9.59
C PRO A 369 -23.63 -26.44 -9.46
N TYR A 370 -22.79 -25.40 -9.45
CA TYR A 370 -23.30 -24.04 -9.40
C TYR A 370 -23.46 -23.49 -10.81
N VAL A 371 -24.60 -22.87 -11.07
CA VAL A 371 -24.93 -22.45 -12.43
C VAL A 371 -25.40 -21.01 -12.51
N ASP A 372 -25.26 -20.40 -13.69
CA ASP A 372 -25.77 -19.06 -13.93
C ASP A 372 -27.12 -19.06 -14.65
N ARG A 373 -27.62 -17.86 -14.95
CA ARG A 373 -28.96 -17.66 -15.53
C ARG A 373 -29.25 -18.53 -16.74
N ASN A 374 -28.22 -18.84 -17.52
CA ASN A 374 -28.38 -19.77 -18.64
C ASN A 374 -27.53 -21.02 -18.51
N GLY A 375 -27.74 -21.73 -17.40
CA GLY A 375 -27.32 -23.13 -17.24
C GLY A 375 -25.84 -23.46 -17.22
N LYS A 376 -24.99 -22.45 -17.35
CA LYS A 376 -23.53 -22.65 -17.41
C LYS A 376 -22.92 -22.89 -16.02
N ASP A 377 -22.06 -23.90 -15.94
CA ASP A 377 -21.41 -24.27 -14.67
C ASP A 377 -20.31 -23.30 -14.31
N MET A 378 -20.29 -22.90 -13.04
CA MET A 378 -19.27 -22.01 -12.53
C MET A 378 -17.89 -22.63 -12.64
N ALA A 379 -17.81 -23.95 -12.54
CA ALA A 379 -16.55 -24.68 -12.69
C ALA A 379 -15.95 -24.49 -14.07
N ALA A 380 -16.77 -24.05 -15.01
CA ALA A 380 -16.33 -23.84 -16.39
C ALA A 380 -16.25 -22.35 -16.75
N GLY A 381 -16.63 -21.50 -15.81
CA GLY A 381 -16.60 -20.06 -16.03
C GLY A 381 -17.96 -19.38 -16.10
N GLY A 382 -19.00 -20.08 -15.63
CA GLY A 382 -20.33 -19.50 -15.52
C GLY A 382 -20.39 -18.48 -14.39
N GLY A 383 -21.41 -17.62 -14.42
CA GLY A 383 -21.59 -16.61 -13.41
C GLY A 383 -22.31 -15.40 -13.98
N GLU A 384 -23.16 -14.80 -13.17
CA GLU A 384 -23.82 -13.57 -13.56
C GLU A 384 -23.11 -12.42 -12.86
N VAL A 385 -22.61 -11.47 -13.64
CA VAL A 385 -21.95 -10.29 -13.09
C VAL A 385 -23.00 -9.40 -12.42
N ILE A 386 -22.73 -9.03 -11.17
CA ILE A 386 -23.68 -8.23 -10.39
C ILE A 386 -23.09 -6.94 -9.84
N ALA A 387 -21.76 -6.84 -9.85
CA ALA A 387 -21.05 -5.63 -9.47
C ALA A 387 -19.86 -5.52 -10.39
N GLN A 388 -19.54 -4.29 -10.81
CA GLN A 388 -18.72 -4.10 -11.99
C GLN A 388 -18.23 -2.66 -12.05
N ARG A 389 -17.30 -2.40 -12.98
CA ARG A 389 -17.05 -1.05 -13.48
C ARG A 389 -18.37 -0.27 -13.53
N ASP A 390 -18.30 0.96 -13.04
CA ASP A 390 -19.47 1.69 -12.61
C ASP A 390 -19.22 3.16 -12.94
N ASP A 391 -20.18 4.02 -12.68
CA ASP A 391 -19.93 5.46 -12.71
C ASP A 391 -19.10 5.89 -11.51
N ASN A 392 -19.01 5.02 -10.50
CA ASN A 392 -18.37 5.36 -9.24
C ASN A 392 -17.13 4.53 -8.96
N TYR A 393 -17.00 3.41 -9.65
CA TYR A 393 -15.96 2.44 -9.33
C TYR A 393 -15.32 1.82 -10.55
N PHE A 394 -13.99 1.65 -10.48
CA PHE A 394 -13.23 0.94 -11.50
C PHE A 394 -13.44 -0.55 -11.36
N GLY A 395 -13.62 -0.98 -10.12
CA GLY A 395 -13.85 -2.38 -9.81
C GLY A 395 -14.47 -2.52 -8.44
N ILE A 396 -15.30 -3.54 -8.29
CA ILE A 396 -15.97 -3.85 -7.03
C ILE A 396 -15.84 -5.35 -6.82
N GLY A 397 -15.35 -5.75 -5.65
CA GLY A 397 -15.17 -7.16 -5.39
C GLY A 397 -14.80 -7.51 -3.97
N HIS A 398 -14.43 -8.77 -3.78
CA HIS A 398 -14.28 -9.40 -2.47
C HIS A 398 -15.56 -9.25 -1.64
N SER A 399 -16.60 -9.91 -2.12
CA SER A 399 -17.93 -9.68 -1.64
C SER A 399 -18.33 -10.56 -0.45
N SER A 400 -19.50 -10.24 0.09
CA SER A 400 -20.13 -10.93 1.21
C SER A 400 -21.56 -10.42 1.25
N ALA A 401 -22.46 -11.22 1.81
CA ALA A 401 -23.89 -10.89 1.88
C ALA A 401 -24.46 -11.19 3.27
N TYR A 402 -25.25 -10.26 3.78
CA TYR A 402 -25.88 -10.47 5.09
C TYR A 402 -27.33 -10.03 5.08
N GLN A 403 -28.13 -10.68 5.92
CA GLN A 403 -29.52 -10.31 6.07
C GLN A 403 -29.71 -9.64 7.42
N PHE A 404 -30.04 -8.36 7.39
CA PHE A 404 -30.36 -7.60 8.60
C PHE A 404 -31.77 -7.01 8.50
N ASP A 405 -32.59 -7.35 9.50
CA ASP A 405 -33.98 -6.90 9.60
C ASP A 405 -34.76 -7.14 8.31
N GLY A 406 -34.70 -8.37 7.82
CA GLY A 406 -35.45 -8.77 6.64
C GLY A 406 -34.91 -8.26 5.31
N GLN A 407 -33.79 -7.54 5.35
CA GLN A 407 -33.18 -7.02 4.13
C GLN A 407 -31.80 -7.65 3.89
N TRP A 408 -31.61 -8.17 2.68
CA TRP A 408 -30.28 -8.62 2.27
C TRP A 408 -29.41 -7.44 1.84
N TYR A 409 -28.15 -7.47 2.26
CA TYR A 409 -27.16 -6.47 1.88
C TYR A 409 -25.94 -7.13 1.22
N PHE A 410 -25.52 -6.56 0.09
CA PHE A 410 -24.30 -6.95 -0.60
C PHE A 410 -23.21 -6.01 -0.13
N MET A 411 -22.19 -6.57 0.50
CA MET A 411 -21.04 -5.78 0.93
C MET A 411 -19.78 -6.18 0.17
N ALA A 412 -18.98 -5.19 -0.19
CA ALA A 412 -17.73 -5.40 -0.91
C ALA A 412 -16.79 -4.21 -0.70
N HIS A 413 -15.62 -4.24 -1.33
CA HIS A 413 -14.83 -3.03 -1.47
C HIS A 413 -14.77 -2.59 -2.94
N GLY A 414 -14.80 -1.28 -3.14
CA GLY A 414 -14.74 -0.73 -4.48
C GLY A 414 -13.59 0.24 -4.61
N TYR A 415 -12.96 0.23 -5.78
CA TYR A 415 -11.89 1.18 -6.10
C TYR A 415 -12.51 2.47 -6.62
N ALA A 416 -12.64 3.43 -5.71
CA ALA A 416 -13.45 4.63 -5.93
C ALA A 416 -12.80 5.64 -6.85
N ARG A 417 -13.58 6.12 -7.82
CA ARG A 417 -13.12 7.08 -8.79
C ARG A 417 -12.90 8.47 -8.16
N ALA A 418 -13.69 8.80 -7.15
CA ALA A 418 -13.59 10.09 -6.47
C ALA A 418 -12.36 10.18 -5.57
N ASN A 419 -11.70 9.04 -5.34
CA ASN A 419 -10.46 9.00 -4.57
C ASN A 419 -9.41 8.24 -5.38
N ASN A 420 -9.33 8.56 -6.67
CA ASN A 420 -8.40 7.91 -7.61
C ASN A 420 -8.00 6.49 -7.21
N GLY A 421 -8.99 5.60 -7.12
CA GLY A 421 -8.75 4.17 -6.90
C GLY A 421 -8.52 3.68 -5.48
N ALA A 422 -8.71 4.54 -4.49
CA ALA A 422 -8.67 4.10 -3.09
C ALA A 422 -9.77 3.07 -2.85
N SER A 423 -9.48 2.05 -2.05
CA SER A 423 -10.47 1.02 -1.78
C SER A 423 -11.41 1.46 -0.66
N LYS A 424 -12.66 1.70 -1.03
CA LYS A 424 -13.70 2.10 -0.10
C LYS A 424 -14.78 1.03 0.10
N LEU A 425 -15.51 1.18 1.21
CA LEU A 425 -16.61 0.30 1.57
C LEU A 425 -17.79 0.46 0.61
N VAL A 426 -18.31 -0.66 0.12
CA VAL A 426 -19.48 -0.67 -0.75
C VAL A 426 -20.56 -1.52 -0.13
N ILE A 427 -21.70 -0.90 0.16
CA ILE A 427 -22.87 -1.64 0.65
C ILE A 427 -24.08 -1.26 -0.18
N ARG A 428 -24.70 -2.27 -0.77
CA ARG A 428 -25.87 -2.07 -1.58
C ARG A 428 -26.97 -2.97 -1.06
N LYS A 429 -28.21 -2.50 -1.15
CA LYS A 429 -29.34 -3.32 -0.83
C LYS A 429 -29.48 -4.37 -1.91
N MET A 430 -29.68 -5.62 -1.48
CA MET A 430 -29.82 -6.72 -2.40
C MET A 430 -31.19 -7.37 -2.26
N ASN A 431 -31.78 -7.70 -3.38
CA ASN A 431 -33.07 -8.36 -3.43
C ASN A 431 -33.05 -9.50 -4.42
N PHE A 432 -33.90 -10.50 -4.20
CA PHE A 432 -34.02 -11.61 -5.14
C PHE A 432 -35.29 -11.46 -5.94
N ASP A 433 -35.18 -11.63 -7.25
CA ASP A 433 -36.33 -11.44 -8.13
C ASP A 433 -37.28 -12.64 -8.17
N LYS A 434 -38.17 -12.60 -9.16
CA LYS A 434 -39.15 -13.63 -9.44
C LYS A 434 -38.52 -15.01 -9.63
N ASP A 435 -37.48 -15.08 -10.46
CA ASP A 435 -36.79 -16.34 -10.75
C ASP A 435 -35.87 -16.74 -9.61
N GLY A 436 -35.66 -15.84 -8.66
CA GLY A 436 -34.78 -16.09 -7.53
C GLY A 436 -33.33 -15.78 -7.81
N TRP A 437 -33.08 -14.71 -8.56
CA TRP A 437 -31.72 -14.24 -8.81
C TRP A 437 -31.49 -12.91 -8.12
N PRO A 438 -30.32 -12.75 -7.45
CA PRO A 438 -30.00 -11.50 -6.75
C PRO A 438 -29.81 -10.30 -7.68
N VAL A 439 -30.35 -9.17 -7.26
CA VAL A 439 -30.22 -7.91 -7.99
C VAL A 439 -29.88 -6.81 -7.00
N LEU A 440 -29.03 -5.87 -7.41
CA LEU A 440 -28.55 -4.83 -6.50
C LEU A 440 -29.16 -3.46 -6.79
N GLU A 441 -29.13 -2.58 -5.79
CA GLU A 441 -29.51 -1.18 -5.97
C GLU A 441 -28.38 -0.39 -6.66
N HIS A 442 -28.63 0.90 -6.92
CA HIS A 442 -27.72 1.79 -7.69
C HIS A 442 -27.41 1.26 -9.10
N GLN B 124 36.35 1.56 -8.59
CA GLN B 124 35.98 2.16 -9.90
C GLN B 124 35.81 3.69 -9.84
N PHE B 125 35.51 4.19 -8.64
CA PHE B 125 35.26 5.61 -8.34
C PHE B 125 35.82 6.69 -9.30
N ASP B 126 34.93 7.54 -9.81
CA ASP B 126 35.34 8.76 -10.50
C ASP B 126 35.05 9.95 -9.59
N ALA B 127 36.10 10.61 -9.13
CA ALA B 127 35.98 11.61 -8.06
C ALA B 127 35.41 12.95 -8.52
N THR B 128 35.78 13.38 -9.71
CA THR B 128 35.33 14.66 -10.25
C THR B 128 33.95 14.59 -10.88
N ASN B 129 33.51 13.37 -11.20
CA ASN B 129 32.22 13.12 -11.80
C ASN B 129 31.69 11.77 -11.31
N PRO B 130 31.24 11.73 -10.05
CA PRO B 130 30.95 10.46 -9.38
C PRO B 130 29.60 9.85 -9.71
N ASP B 131 29.57 8.52 -9.74
CA ASP B 131 28.35 7.74 -9.92
C ASP B 131 27.49 7.82 -8.67
N VAL B 132 26.24 8.22 -8.84
CA VAL B 132 25.34 8.55 -7.74
C VAL B 132 23.89 8.30 -8.12
N HIS B 133 23.12 7.72 -7.20
CA HIS B 133 21.68 7.57 -7.42
C HIS B 133 20.85 7.97 -6.19
N ASP B 134 19.88 8.85 -6.43
CA ASP B 134 18.99 9.41 -5.41
C ASP B 134 19.75 10.09 -4.27
N PRO B 135 20.68 10.99 -4.61
CA PRO B 135 21.55 11.58 -3.61
C PRO B 135 20.81 12.58 -2.74
N VAL B 136 21.42 12.88 -1.59
CA VAL B 136 20.89 13.84 -0.63
C VAL B 136 22.14 14.42 0.05
N MET B 137 22.04 15.64 0.59
CA MET B 137 23.23 16.37 1.03
C MET B 137 23.12 17.16 2.33
N ALA B 138 24.21 17.13 3.10
CA ALA B 138 24.35 17.91 4.32
C ALA B 138 25.75 18.47 4.43
N ARG B 139 25.90 19.52 5.24
CA ARG B 139 27.20 20.08 5.58
C ARG B 139 27.25 20.28 7.09
N GLU B 140 28.11 19.50 7.77
CA GLU B 140 28.39 19.77 9.17
C GLU B 140 29.70 20.51 9.23
N ASP B 141 29.58 21.77 9.62
CA ASP B 141 30.46 22.82 9.11
C ASP B 141 31.90 22.44 8.78
N GLY B 142 32.28 22.80 7.56
CA GLY B 142 33.47 22.31 6.91
C GLY B 142 33.07 21.38 5.77
N LYS B 143 32.95 20.10 6.07
CA LYS B 143 32.77 19.08 5.05
C LYS B 143 31.33 18.95 4.58
N TYR B 144 31.19 18.70 3.27
CA TYR B 144 29.93 18.31 2.65
C TYR B 144 29.82 16.80 2.69
N TYR B 145 28.63 16.32 3.05
CA TYR B 145 28.33 14.89 3.05
C TYR B 145 27.19 14.62 2.07
N ILE B 146 27.38 13.66 1.18
CA ILE B 146 26.28 13.13 0.36
C ILE B 146 25.93 11.72 0.83
N PHE B 147 24.63 11.46 0.97
CA PHE B 147 24.14 10.10 1.18
C PHE B 147 23.23 9.74 0.03
N MET B 148 23.24 8.46 -0.34
CA MET B 148 22.58 8.02 -1.57
C MET B 148 22.17 6.56 -1.52
N THR B 149 21.36 6.13 -2.48
CA THR B 149 21.00 4.71 -2.62
C THR B 149 22.24 3.84 -2.64
N GLY B 150 22.23 2.78 -1.85
CA GLY B 150 23.36 1.85 -1.78
C GLY B 150 23.30 0.96 -0.56
N GLN B 151 24.27 0.05 -0.46
CA GLN B 151 24.33 -0.85 0.67
C GLN B 151 24.47 -0.06 1.96
N ALA B 152 23.70 -0.45 2.97
CA ALA B 152 23.67 0.25 4.28
C ALA B 152 23.53 1.79 4.15
N VAL B 153 23.06 2.23 2.99
CA VAL B 153 23.11 3.64 2.56
C VAL B 153 24.54 4.07 2.23
N GLY B 154 24.77 4.42 0.97
CA GLY B 154 26.07 4.89 0.52
C GLY B 154 26.36 6.30 0.95
N SER B 155 27.64 6.67 0.93
CA SER B 155 28.05 8.02 1.26
C SER B 155 29.32 8.44 0.53
N MET B 156 29.45 9.74 0.37
CA MET B 156 30.65 10.35 -0.18
C MET B 156 30.87 11.62 0.61
N THR B 157 32.07 12.15 0.55
CA THR B 157 32.40 13.35 1.28
C THR B 157 33.25 14.31 0.43
N SER B 158 33.03 15.62 0.61
CA SER B 158 33.74 16.64 -0.16
C SER B 158 34.07 17.88 0.69
N ASP B 159 35.16 18.57 0.34
CA ASP B 159 35.52 19.81 1.03
C ASP B 159 35.04 21.05 0.30
N ASP B 160 34.76 20.92 -0.99
CA ASP B 160 34.42 22.05 -1.83
C ASP B 160 33.20 21.79 -2.69
N MET B 161 32.63 20.59 -2.55
CA MET B 161 31.43 20.18 -3.27
C MET B 161 31.70 19.84 -4.75
N LYS B 162 32.94 20.04 -5.21
CA LYS B 162 33.28 19.79 -6.62
C LYS B 162 33.85 18.40 -6.88
N SER B 163 34.68 17.91 -5.97
CA SER B 163 35.19 16.53 -6.04
C SER B 163 34.90 15.78 -4.75
N TRP B 164 34.77 14.46 -4.86
CA TRP B 164 34.24 13.65 -3.78
C TRP B 164 35.13 12.45 -3.51
N THR B 165 35.10 11.99 -2.26
CA THR B 165 35.80 10.78 -1.84
C THR B 165 34.76 9.82 -1.25
N PRO B 166 34.91 8.50 -1.49
CA PRO B 166 33.84 7.56 -1.11
C PRO B 166 33.77 7.20 0.38
N GLY B 167 32.57 6.83 0.83
CA GLY B 167 32.34 6.23 2.15
C GLY B 167 32.19 4.71 2.02
N ARG B 168 32.01 3.96 3.11
CA ARG B 168 31.56 4.36 4.45
C ARG B 168 30.04 4.14 4.53
N GLY B 169 29.60 2.94 4.13
CA GLY B 169 28.19 2.55 4.26
C GLY B 169 27.68 2.92 5.64
N VAL B 170 26.57 3.67 5.68
CA VAL B 170 26.19 4.41 6.90
C VAL B 170 25.67 3.58 8.09
N MET B 171 24.78 2.63 7.83
CA MET B 171 24.21 1.79 8.88
C MET B 171 25.26 0.89 9.52
N PRO B 172 25.28 0.81 10.87
CA PRO B 172 26.19 -0.10 11.57
C PRO B 172 25.81 -1.54 11.25
N GLU B 173 24.52 -1.83 11.33
CA GLU B 173 23.97 -3.11 10.91
C GLU B 173 22.63 -2.82 10.23
N ILE B 174 22.25 -3.71 9.32
CA ILE B 174 20.94 -3.64 8.70
C ILE B 174 19.88 -3.98 9.75
N PRO B 175 18.97 -3.01 10.05
CA PRO B 175 17.99 -3.19 11.12
C PRO B 175 17.09 -4.41 10.92
N GLN B 176 16.87 -5.16 11.99
CA GLN B 176 16.16 -6.43 11.89
C GLN B 176 14.65 -6.26 11.71
N TRP B 177 14.11 -5.12 12.17
CA TRP B 177 12.70 -4.81 11.95
C TRP B 177 12.38 -4.67 10.47
N ALA B 178 13.34 -4.12 9.72
CA ALA B 178 13.16 -3.81 8.30
C ALA B 178 13.20 -5.07 7.44
N MET B 179 14.14 -5.96 7.75
CA MET B 179 14.24 -7.25 7.07
C MET B 179 12.99 -8.10 7.29
N GLU B 180 12.35 -7.90 8.44
CA GLU B 180 11.10 -8.57 8.75
C GLU B 180 9.91 -7.92 8.05
N ALA B 181 9.78 -6.60 8.17
CA ALA B 181 8.66 -5.86 7.58
C ALA B 181 8.64 -5.88 6.05
N VAL B 182 9.84 -5.84 5.45
CA VAL B 182 10.00 -5.93 3.99
C VAL B 182 10.82 -7.17 3.64
N PRO B 183 10.15 -8.30 3.38
CA PRO B 183 10.78 -9.62 3.24
C PRO B 183 11.93 -9.71 2.21
N GLY B 184 11.79 -9.04 1.07
CA GLY B 184 12.86 -9.03 0.06
C GLY B 184 14.11 -8.28 0.47
N TYR B 185 13.92 -7.14 1.14
CA TYR B 185 14.99 -6.26 1.59
C TYR B 185 16.03 -6.99 2.44
N ARG B 186 17.30 -6.81 2.07
CA ARG B 186 18.41 -7.50 2.72
C ARG B 186 19.59 -6.57 2.94
N GLY B 187 19.40 -5.27 2.68
CA GLY B 187 20.43 -4.27 2.97
C GLY B 187 20.58 -3.14 1.97
N HIS B 188 20.18 -3.38 0.72
CA HIS B 188 20.21 -2.34 -0.31
C HIS B 188 19.14 -1.30 -0.01
N THR B 189 19.56 -0.25 0.67
CA THR B 189 18.65 0.81 1.11
C THR B 189 18.61 1.88 0.03
N TRP B 190 17.44 2.49 -0.16
CA TRP B 190 17.29 3.53 -1.16
C TRP B 190 16.94 4.87 -0.54
N ALA B 191 17.30 5.94 -1.25
CA ALA B 191 16.70 7.26 -1.10
C ALA B 191 16.64 7.83 0.33
N PRO B 192 17.81 8.12 0.92
CA PRO B 192 17.83 8.74 2.24
C PRO B 192 17.44 10.21 2.25
N ASP B 193 17.09 10.74 3.42
CA ASP B 193 16.93 12.17 3.64
C ASP B 193 17.68 12.55 4.88
N ILE B 194 18.34 13.70 4.86
CA ILE B 194 19.17 14.11 5.98
C ILE B 194 19.01 15.58 6.32
N SER B 195 18.73 15.87 7.59
CA SER B 195 18.65 17.22 8.14
C SER B 195 18.92 17.17 9.64
N GLU B 196 19.19 18.31 10.27
CA GLU B 196 19.37 18.32 11.72
C GLU B 196 18.37 19.19 12.46
N HIS B 197 17.84 18.68 13.57
CA HIS B 197 16.76 19.34 14.30
C HIS B 197 16.72 19.00 15.81
N ASN B 198 17.33 19.83 16.64
CA ASN B 198 18.30 20.82 16.22
C ASN B 198 19.41 20.61 17.23
N GLY B 199 20.58 20.21 16.72
CA GLY B 199 21.61 19.60 17.54
C GLY B 199 21.69 18.12 17.25
N THR B 200 20.60 17.56 16.73
CA THR B 200 20.55 16.14 16.35
C THR B 200 20.22 15.91 14.86
N TRP B 201 20.91 14.95 14.26
CA TRP B 201 20.78 14.59 12.85
C TRP B 201 19.77 13.48 12.61
N TYR B 202 18.95 13.65 11.58
CA TYR B 202 17.88 12.73 11.27
C TYR B 202 18.01 12.19 9.84
N MET B 203 18.13 10.87 9.73
CA MET B 203 18.16 10.23 8.43
C MET B 203 17.02 9.23 8.21
N TYR B 204 16.15 9.55 7.25
CA TYR B 204 15.10 8.63 6.84
C TYR B 204 15.60 7.80 5.66
N TYR B 205 15.15 6.56 5.58
CA TYR B 205 15.61 5.65 4.55
C TYR B 205 14.49 4.74 4.07
N SER B 206 14.61 4.28 2.83
CA SER B 206 13.59 3.45 2.21
C SER B 206 14.03 1.99 2.12
N CYS B 207 13.15 1.10 2.53
CA CYS B 207 13.39 -0.34 2.42
C CYS B 207 12.33 -0.90 1.50
N SER B 208 12.76 -1.44 0.36
CA SER B 208 11.82 -1.92 -0.66
C SER B 208 12.49 -2.88 -1.66
N THR B 209 11.74 -3.26 -2.69
CA THR B 209 12.25 -4.06 -3.82
C THR B 209 11.64 -3.50 -5.11
N PHE B 210 12.43 -3.37 -6.17
CA PHE B 210 11.99 -2.62 -7.35
C PHE B 210 10.66 -3.10 -7.93
N GLY B 211 9.79 -2.14 -8.21
CA GLY B 211 8.49 -2.39 -8.85
C GLY B 211 7.32 -2.66 -7.93
N LYS B 212 7.59 -2.90 -6.65
CA LYS B 212 6.53 -3.27 -5.68
C LYS B 212 6.31 -2.16 -4.64
N ASN B 213 5.10 -2.12 -4.08
CA ASN B 213 4.81 -1.17 -3.00
C ASN B 213 4.78 -1.80 -1.61
N GLY B 214 5.43 -2.96 -1.48
CA GLY B 214 5.73 -3.55 -0.18
C GLY B 214 6.99 -2.88 0.33
N SER B 215 6.81 -1.75 1.01
CA SER B 215 7.91 -0.88 1.37
C SER B 215 7.75 -0.35 2.78
N ALA B 216 8.85 0.12 3.36
CA ALA B 216 8.82 0.73 4.68
C ALA B 216 9.83 1.86 4.79
N ILE B 217 9.45 2.94 5.46
CA ILE B 217 10.37 4.05 5.72
C ILE B 217 10.81 3.98 7.17
N GLY B 218 12.13 3.92 7.36
CA GLY B 218 12.71 3.91 8.70
C GLY B 218 13.46 5.18 9.06
N LEU B 219 13.75 5.35 10.34
CA LEU B 219 14.50 6.49 10.84
C LEU B 219 15.69 6.05 11.67
N MET B 220 16.80 6.78 11.51
CA MET B 220 17.95 6.65 12.41
C MET B 220 18.55 8.02 12.70
N THR B 221 18.98 8.22 13.94
CA THR B 221 19.54 9.51 14.35
C THR B 221 21.03 9.41 14.71
N ASN B 222 21.68 10.56 14.68
CA ASN B 222 23.06 10.70 15.11
C ASN B 222 23.23 12.13 15.62
N LYS B 223 24.21 12.35 16.49
CA LYS B 223 24.39 13.66 17.11
C LYS B 223 25.42 14.46 16.30
N THR B 224 26.16 13.76 15.45
CA THR B 224 27.14 14.37 14.55
C THR B 224 27.24 13.53 13.26
N LEU B 225 27.84 14.12 12.22
CA LEU B 225 28.06 13.41 10.96
C LEU B 225 29.48 12.91 10.80
N ASN B 226 30.39 13.47 11.60
CA ASN B 226 31.81 13.12 11.57
C ASN B 226 32.08 11.72 12.14
N PRO B 227 32.52 10.78 11.29
CA PRO B 227 32.81 9.41 11.75
C PRO B 227 33.96 9.30 12.75
N GLU B 228 34.93 10.21 12.65
CA GLU B 228 36.09 10.24 13.55
C GLU B 228 35.75 10.74 14.96
N SER B 229 34.69 11.53 15.08
CA SER B 229 34.20 12.03 16.37
C SER B 229 33.77 10.88 17.31
N PRO B 230 33.98 11.05 18.63
CA PRO B 230 33.53 10.06 19.62
C PRO B 230 32.00 10.04 19.80
N ASP B 231 31.34 11.14 19.43
CA ASP B 231 29.89 11.27 19.55
C ASP B 231 29.13 10.56 18.41
N TYR B 232 29.86 10.23 17.35
CA TYR B 232 29.30 9.56 16.18
C TYR B 232 28.79 8.17 16.50
N LYS B 233 27.46 8.02 16.46
CA LYS B 233 26.80 6.75 16.67
C LYS B 233 25.42 6.83 16.02
N TRP B 234 25.17 5.95 15.05
CA TRP B 234 23.86 5.89 14.40
C TRP B 234 22.96 4.94 15.16
N GLU B 235 21.83 5.44 15.63
CA GLU B 235 20.84 4.58 16.30
C GLU B 235 19.47 4.59 15.67
N ASP B 236 19.01 3.38 15.36
CA ASP B 236 17.75 3.15 14.68
C ASP B 236 16.58 3.55 15.57
N LYS B 237 15.49 3.95 14.92
CA LYS B 237 14.29 4.36 15.63
C LYS B 237 13.07 3.63 15.10
N GLY B 238 13.30 2.54 14.38
CA GLY B 238 12.21 1.70 13.88
C GLY B 238 11.49 2.25 12.66
N MET B 239 10.33 1.67 12.37
CA MET B 239 9.49 2.05 11.24
C MET B 239 8.88 3.42 11.46
N VAL B 240 8.73 4.18 10.38
CA VAL B 240 8.04 5.46 10.41
C VAL B 240 6.68 5.29 9.73
N VAL B 241 6.72 4.70 8.55
CA VAL B 241 5.51 4.43 7.79
C VAL B 241 5.73 3.19 6.93
N ARG B 242 4.63 2.54 6.55
CA ARG B 242 4.67 1.25 5.87
C ARG B 242 3.62 1.25 4.76
N SER B 243 3.88 0.48 3.71
CA SER B 243 2.88 0.17 2.69
C SER B 243 2.91 -1.32 2.36
N VAL B 244 1.75 -1.89 2.11
CA VAL B 244 1.64 -3.32 1.84
C VAL B 244 1.33 -3.52 0.36
N GLN B 245 1.88 -4.61 -0.21
CA GLN B 245 1.95 -4.81 -1.67
C GLN B 245 0.60 -4.77 -2.40
N ARG B 246 -0.47 -4.76 -1.62
CA ARG B 246 -1.79 -4.38 -2.09
C ARG B 246 -2.44 -3.64 -0.91
N GLN B 247 -3.73 -3.33 -1.02
CA GLN B 247 -4.46 -2.68 0.08
C GLN B 247 -3.99 -1.24 0.37
N THR B 248 -2.76 -0.90 -0.01
CA THR B 248 -2.26 0.47 0.08
C THR B 248 -2.15 1.06 -1.32
N ASN B 249 -2.59 2.30 -1.46
CA ASN B 249 -2.62 2.98 -2.74
C ASN B 249 -1.45 3.98 -2.86
N TRP B 250 -0.41 3.75 -2.07
CA TRP B 250 0.83 4.51 -2.21
C TRP B 250 2.05 3.69 -1.78
N ASN B 251 3.22 4.11 -2.23
CA ASN B 251 4.45 3.39 -1.95
C ASN B 251 5.25 4.09 -0.86
N ALA B 252 5.60 3.36 0.20
CA ALA B 252 6.30 3.94 1.33
C ALA B 252 7.79 4.10 1.05
N ILE B 253 8.13 5.06 0.20
CA ILE B 253 9.54 5.36 -0.15
C ILE B 253 9.75 6.84 -0.50
N ASP B 254 11.01 7.20 -0.72
CA ASP B 254 11.42 8.57 -1.06
C ASP B 254 11.05 9.60 0.01
N PRO B 255 11.48 9.35 1.27
CA PRO B 255 11.11 10.26 2.37
C PRO B 255 11.78 11.63 2.29
N ASN B 256 11.01 12.66 2.64
CA ASN B 256 11.55 14.00 2.86
C ASN B 256 10.94 14.62 4.11
N LEU B 257 11.81 15.20 4.94
CA LEU B 257 11.36 15.88 6.15
C LEU B 257 11.34 17.38 5.96
N ILE B 258 10.26 18.01 6.41
CA ILE B 258 10.11 19.46 6.32
C ILE B 258 9.42 20.06 7.55
N MET B 259 10.07 21.03 8.17
CA MET B 259 9.55 21.70 9.37
C MET B 259 8.67 22.87 8.97
N ASP B 260 7.48 22.95 9.58
CA ASP B 260 6.58 24.04 9.25
C ASP B 260 6.88 25.33 10.03
N GLU B 261 6.30 26.43 9.57
CA GLU B 261 6.38 27.77 10.17
C GLU B 261 6.38 27.81 11.71
N LYS B 262 5.75 26.82 12.36
CA LYS B 262 5.71 26.75 13.82
C LYS B 262 6.56 25.63 14.42
N GLY B 263 7.59 25.23 13.68
CA GLY B 263 8.59 24.27 14.15
C GLY B 263 8.12 22.84 14.37
N ARG B 264 7.12 22.41 13.60
CA ARG B 264 6.60 21.05 13.69
C ARG B 264 6.96 20.21 12.45
N PRO B 265 7.31 18.92 12.66
CA PRO B 265 7.82 18.08 11.57
C PRO B 265 6.74 17.39 10.72
N TRP B 266 6.84 17.58 9.42
CA TRP B 266 5.99 16.87 8.48
C TRP B 266 6.84 15.95 7.63
N LEU B 267 6.24 14.87 7.15
CA LEU B 267 6.92 13.98 6.24
C LEU B 267 6.23 13.97 4.89
N THR B 268 7.03 14.00 3.83
CA THR B 268 6.51 13.78 2.50
C THR B 268 7.23 12.61 1.84
N TRP B 269 6.49 11.83 1.05
CA TRP B 269 7.06 10.65 0.40
C TRP B 269 6.19 10.18 -0.77
N GLY B 270 6.62 9.09 -1.41
CA GLY B 270 5.80 8.47 -2.44
C GLY B 270 6.50 8.09 -3.73
N SER B 271 5.95 7.09 -4.40
CA SER B 271 6.39 6.68 -5.71
C SER B 271 5.27 5.89 -6.37
N PHE B 272 4.81 6.40 -7.50
CA PHE B 272 3.73 5.78 -8.28
C PHE B 272 2.42 5.61 -7.50
N TRP B 273 1.61 4.64 -7.91
CA TRP B 273 0.30 4.39 -7.30
C TRP B 273 -0.53 5.68 -7.27
N ASP B 274 -0.90 6.18 -6.08
CA ASP B 274 -1.70 7.42 -6.01
C ASP B 274 -0.87 8.71 -6.01
N GLY B 275 0.41 8.59 -5.69
CA GLY B 275 1.32 9.72 -5.83
C GLY B 275 1.99 10.13 -4.54
N ILE B 276 2.17 11.43 -4.38
CA ILE B 276 2.97 11.99 -3.28
C ILE B 276 2.11 12.25 -2.05
N GLN B 277 2.47 11.58 -0.95
CA GLN B 277 1.76 11.71 0.33
C GLN B 277 2.45 12.70 1.26
N LEU B 278 1.65 13.45 2.00
CA LEU B 278 2.14 14.31 3.08
C LEU B 278 1.43 13.95 4.38
N VAL B 279 2.18 14.00 5.48
CA VAL B 279 1.61 13.78 6.82
C VAL B 279 2.42 14.45 7.91
N GLN B 280 1.73 15.04 8.88
CA GLN B 280 2.38 15.60 10.06
C GLN B 280 2.87 14.47 10.95
N LEU B 281 4.08 14.63 11.49
CA LEU B 281 4.61 13.73 12.53
C LEU B 281 4.48 14.42 13.88
N ASP B 282 4.80 13.73 14.97
CA ASP B 282 4.87 14.40 16.27
C ASP B 282 6.25 14.37 16.90
N LYS B 283 6.44 15.18 17.95
CA LYS B 283 7.68 15.31 18.74
C LYS B 283 8.83 14.37 18.38
N ASP B 284 8.54 13.07 18.31
CA ASP B 284 9.57 12.02 18.19
C ASP B 284 10.10 11.79 16.78
N PHE B 285 9.56 12.53 15.81
CA PHE B 285 9.97 12.50 14.40
C PHE B 285 9.69 11.19 13.65
N LYS B 286 9.10 10.22 14.34
CA LYS B 286 8.46 9.06 13.71
C LYS B 286 6.96 9.16 14.00
N THR B 287 6.21 8.07 13.87
CA THR B 287 4.77 8.04 14.22
C THR B 287 3.93 9.21 13.67
N PRO B 288 3.36 9.04 12.47
CA PRO B 288 2.50 10.07 11.86
C PRO B 288 1.25 10.40 12.68
N LYS B 289 0.65 11.55 12.40
CA LYS B 289 -0.59 11.99 13.04
C LYS B 289 -1.81 11.78 12.12
N GLY B 290 -2.26 10.53 12.02
CA GLY B 290 -3.45 10.22 11.24
C GLY B 290 -3.15 9.68 9.85
N GLU B 291 -4.07 9.91 8.92
CA GLU B 291 -3.92 9.41 7.56
C GLU B 291 -3.24 10.45 6.69
N PRO B 292 -2.40 10.01 5.74
CA PRO B 292 -1.73 10.92 4.80
C PRO B 292 -2.67 11.47 3.73
N LYS B 293 -2.30 12.63 3.17
CA LYS B 293 -3.03 13.27 2.08
C LYS B 293 -2.22 13.23 0.79
N THR B 294 -2.86 12.96 -0.34
CA THR B 294 -2.17 12.97 -1.64
C THR B 294 -1.94 14.39 -2.11
N ILE B 295 -0.69 14.81 -2.11
CA ILE B 295 -0.32 16.20 -2.35
C ILE B 295 0.01 16.51 -3.83
N ALA B 296 0.49 15.50 -4.56
CA ALA B 296 0.88 15.69 -5.97
C ALA B 296 0.79 14.41 -6.81
N ARG B 297 0.43 14.60 -8.07
CA ARG B 297 0.34 13.51 -9.03
C ARG B 297 0.99 13.89 -10.36
N ARG B 298 1.21 12.88 -11.19
CA ARG B 298 1.67 13.09 -12.56
C ARG B 298 0.48 12.97 -13.49
N TYR B 299 -0.45 12.10 -13.13
CA TYR B 299 -1.43 11.52 -14.03
C TYR B 299 -2.69 11.30 -13.24
N LEU B 300 -3.82 11.72 -13.80
CA LEU B 300 -5.11 11.51 -13.16
C LEU B 300 -6.19 11.25 -14.21
N ARG B 301 -7.03 10.24 -13.96
CA ARG B 301 -8.11 9.87 -14.88
C ARG B 301 -9.50 10.12 -14.28
N ASN B 317 -0.80 -0.88 -11.51
CA ASN B 317 -0.34 0.23 -12.35
C ASN B 317 -0.62 0.04 -13.86
N GLN B 318 0.36 0.27 -14.73
CA GLN B 318 0.11 0.35 -16.20
C GLN B 318 -0.92 -0.63 -16.78
N ALA B 319 -1.76 -0.12 -17.68
CA ALA B 319 -2.89 -0.84 -18.25
C ALA B 319 -3.27 -0.31 -19.63
N PRO B 320 -4.00 -1.10 -20.45
CA PRO B 320 -4.31 -0.76 -21.85
C PRO B 320 -5.00 0.57 -22.07
N ASP B 321 -5.83 1.00 -21.11
CA ASP B 321 -6.63 2.22 -21.27
C ASP B 321 -6.09 3.42 -20.50
N ALA B 322 -5.10 3.19 -19.65
CA ALA B 322 -4.54 4.26 -18.82
C ALA B 322 -3.12 3.97 -18.33
N GLY B 323 -2.23 4.94 -18.52
CA GLY B 323 -0.84 4.81 -18.08
C GLY B 323 -0.64 4.88 -16.57
N ALA B 324 0.55 4.50 -16.12
CA ALA B 324 0.90 4.55 -14.70
C ALA B 324 1.07 5.99 -14.21
N ASN B 325 0.90 6.20 -12.91
CA ASN B 325 1.13 7.50 -12.29
C ASN B 325 2.61 7.68 -11.94
N ALA B 326 3.39 8.17 -12.90
CA ALA B 326 4.84 8.26 -12.75
C ALA B 326 5.30 9.54 -12.04
N ILE B 327 5.17 9.54 -10.71
CA ILE B 327 5.66 10.63 -9.88
C ILE B 327 6.27 10.08 -8.58
N GLU B 328 7.42 10.63 -8.19
CA GLU B 328 8.15 10.20 -7.00
C GLU B 328 9.12 11.26 -6.52
N ALA B 329 9.95 10.90 -5.54
CA ALA B 329 11.03 11.76 -5.04
C ALA B 329 10.57 13.18 -4.70
N PRO B 330 9.68 13.31 -3.71
CA PRO B 330 9.26 14.64 -3.29
C PRO B 330 10.33 15.28 -2.42
N PHE B 331 10.43 16.60 -2.51
CA PHE B 331 11.33 17.36 -1.68
C PHE B 331 10.71 18.73 -1.45
N ILE B 332 10.56 19.11 -0.19
CA ILE B 332 9.89 20.37 0.12
C ILE B 332 10.86 21.38 0.72
N ILE B 333 10.72 22.62 0.30
CA ILE B 333 11.61 23.68 0.71
C ILE B 333 10.79 24.87 1.15
N ARG B 334 11.35 25.71 1.99
CA ARG B 334 10.65 26.90 2.44
C ARG B 334 11.50 28.12 2.11
N GLU B 335 10.95 29.01 1.29
CA GLU B 335 11.66 30.20 0.88
C GLU B 335 10.76 31.43 0.83
N GLY B 336 11.06 32.38 1.72
CA GLY B 336 10.22 33.55 1.89
C GLY B 336 8.79 33.17 2.19
N LYS B 337 7.89 33.55 1.29
CA LYS B 337 6.46 33.49 1.53
C LYS B 337 5.84 32.14 1.15
N TYR B 338 6.67 31.19 0.72
CA TYR B 338 6.18 29.97 0.08
C TYR B 338 6.89 28.66 0.46
N TYR B 339 6.12 27.58 0.43
CA TYR B 339 6.67 26.23 0.42
C TYR B 339 6.80 25.76 -1.03
N TYR B 340 7.91 25.11 -1.36
CA TYR B 340 8.14 24.65 -2.72
C TYR B 340 8.28 23.15 -2.75
N LEU B 341 7.43 22.51 -3.55
CA LEU B 341 7.48 21.07 -3.69
C LEU B 341 8.15 20.72 -5.02
N PHE B 342 9.24 19.97 -4.92
CA PHE B 342 9.90 19.42 -6.09
C PHE B 342 9.50 17.96 -6.21
N VAL B 343 9.28 17.52 -7.44
CA VAL B 343 8.97 16.12 -7.69
C VAL B 343 9.65 15.61 -8.94
N SER B 344 9.80 14.30 -9.03
CA SER B 344 10.34 13.69 -10.22
C SER B 344 9.25 13.02 -11.03
N TRP B 345 9.16 13.40 -12.30
CA TRP B 345 8.18 12.82 -13.21
C TRP B 345 8.80 11.74 -14.07
N ASP B 346 7.99 10.79 -14.50
CA ASP B 346 8.38 9.82 -15.53
C ASP B 346 9.48 8.83 -15.10
N TYR B 347 10.18 8.24 -16.05
CA TYR B 347 10.89 6.98 -15.78
C TYR B 347 12.40 7.07 -15.62
N CYS B 348 12.84 6.78 -14.40
CA CYS B 348 14.24 6.70 -14.01
C CYS B 348 14.81 5.36 -14.41
N CYS B 349 16.03 5.09 -13.93
CA CYS B 349 16.53 3.74 -13.72
C CYS B 349 16.58 2.89 -14.98
N LYS B 350 16.77 3.56 -16.13
CA LYS B 350 16.76 2.90 -17.44
C LYS B 350 17.86 3.39 -18.35
N GLY B 351 18.93 3.90 -17.75
CA GLY B 351 20.11 4.33 -18.48
C GLY B 351 19.76 5.35 -19.54
N ALA B 352 20.25 5.12 -20.75
CA ALA B 352 20.03 6.02 -21.88
C ALA B 352 18.56 6.13 -22.27
N ASN B 353 17.75 5.17 -21.85
CA ASN B 353 16.33 5.17 -22.17
C ASN B 353 15.46 5.88 -21.13
N SER B 354 16.10 6.50 -20.14
CA SER B 354 15.38 7.24 -19.13
C SER B 354 14.79 8.52 -19.70
N ASN B 355 13.80 9.06 -18.99
CA ASN B 355 13.17 10.31 -19.38
C ASN B 355 12.68 11.01 -18.11
N TYR B 356 13.34 10.70 -17.01
CA TYR B 356 13.17 11.34 -15.72
C TYR B 356 13.19 12.85 -15.87
N LYS B 357 12.30 13.54 -15.17
CA LYS B 357 12.19 15.01 -15.21
C LYS B 357 11.99 15.49 -13.79
N THR B 358 12.28 16.75 -13.55
CA THR B 358 12.01 17.36 -12.25
C THR B 358 11.07 18.55 -12.38
N ALA B 359 10.02 18.57 -11.56
CA ALA B 359 9.03 19.62 -11.61
C ALA B 359 8.82 20.26 -10.24
N VAL B 360 8.45 21.54 -10.23
CA VAL B 360 8.23 22.29 -9.00
C VAL B 360 6.88 23.03 -8.94
N GLY B 361 6.35 23.16 -7.73
CA GLY B 361 5.16 23.95 -7.46
C GLY B 361 5.19 24.50 -6.05
N ARG B 362 4.41 25.56 -5.82
CA ARG B 362 4.41 26.26 -4.54
C ARG B 362 3.01 26.39 -3.92
N SER B 363 3.01 26.65 -2.62
CA SER B 363 1.79 26.79 -1.82
C SER B 363 2.14 27.57 -0.57
N LYS B 364 1.25 28.48 -0.18
CA LYS B 364 1.43 29.31 1.02
C LYS B 364 1.34 28.46 2.29
N LYS B 365 0.29 27.66 2.39
CA LYS B 365 0.15 26.67 3.47
C LYS B 365 1.02 25.46 3.16
N ILE B 366 1.40 24.70 4.19
CA ILE B 366 2.25 23.54 4.01
C ILE B 366 1.51 22.39 3.34
N GLU B 367 0.25 22.25 3.69
CA GLU B 367 -0.58 21.14 3.25
C GLU B 367 -1.18 21.39 1.86
N GLY B 368 -0.77 22.48 1.23
CA GLY B 368 -1.16 22.78 -0.14
C GLY B 368 -2.47 23.54 -0.27
N PRO B 369 -3.05 23.56 -1.48
CA PRO B 369 -2.58 22.86 -2.68
C PRO B 369 -1.36 23.52 -3.33
N TYR B 370 -0.54 22.71 -3.98
CA TYR B 370 0.65 23.19 -4.66
C TYR B 370 0.30 23.42 -6.11
N VAL B 371 0.66 24.60 -6.61
CA VAL B 371 0.31 24.99 -7.98
C VAL B 371 1.54 25.46 -8.74
N ASP B 372 1.45 25.47 -10.07
CA ASP B 372 2.54 25.96 -10.92
C ASP B 372 2.33 27.41 -11.39
N ARG B 373 3.17 27.85 -12.33
CA ARG B 373 3.09 29.21 -12.85
C ARG B 373 1.75 29.54 -13.48
N ASN B 374 1.15 28.53 -14.11
CA ASN B 374 -0.17 28.67 -14.70
C ASN B 374 -1.28 28.51 -13.65
N GLY B 375 -0.87 28.22 -12.42
CA GLY B 375 -1.81 28.12 -11.30
C GLY B 375 -2.49 26.77 -11.17
N LYS B 376 -1.89 25.74 -11.79
CA LYS B 376 -2.49 24.40 -11.88
C LYS B 376 -1.97 23.46 -10.79
N ASP B 377 -2.91 22.91 -10.01
CA ASP B 377 -2.63 22.04 -8.89
C ASP B 377 -1.78 20.83 -9.30
N MET B 378 -0.67 20.62 -8.59
CA MET B 378 0.21 19.48 -8.83
C MET B 378 -0.52 18.16 -8.64
N ALA B 379 -1.47 18.13 -7.71
CA ALA B 379 -2.31 16.96 -7.46
C ALA B 379 -3.07 16.49 -8.72
N ALA B 380 -3.14 17.36 -9.72
CA ALA B 380 -3.75 17.03 -11.00
C ALA B 380 -2.72 16.87 -12.14
N GLY B 381 -1.43 17.02 -11.81
CA GLY B 381 -0.37 16.84 -12.80
C GLY B 381 0.32 18.14 -13.14
N GLY B 382 -0.02 19.21 -12.42
CA GLY B 382 0.63 20.50 -12.59
C GLY B 382 2.07 20.48 -12.12
N GLY B 383 2.82 21.49 -12.53
CA GLY B 383 4.20 21.68 -12.10
C GLY B 383 5.05 22.27 -13.20
N GLU B 384 5.94 23.22 -12.83
CA GLU B 384 6.93 23.78 -13.74
C GLU B 384 8.14 22.85 -13.81
N VAL B 385 8.73 22.70 -14.99
CA VAL B 385 9.90 21.84 -15.15
C VAL B 385 11.20 22.65 -15.03
N ILE B 386 11.98 22.42 -13.97
CA ILE B 386 13.31 23.03 -13.84
C ILE B 386 14.43 22.17 -14.42
N ALA B 387 14.20 20.86 -14.49
CA ALA B 387 15.23 19.94 -14.99
C ALA B 387 14.64 18.79 -15.79
N GLN B 388 15.22 18.55 -16.97
CA GLN B 388 14.75 17.51 -17.88
C GLN B 388 15.82 17.17 -18.90
N ARG B 389 15.50 16.21 -19.76
CA ARG B 389 16.33 15.84 -20.90
C ARG B 389 16.86 17.07 -21.64
N ASP B 390 18.16 17.07 -21.91
CA ASP B 390 18.79 18.13 -22.67
C ASP B 390 19.92 17.58 -23.54
N ASP B 391 20.80 18.44 -24.01
CA ASP B 391 21.88 18.03 -24.88
C ASP B 391 22.94 17.17 -24.18
N ASN B 392 23.00 17.27 -22.84
CA ASN B 392 23.98 16.53 -22.03
C ASN B 392 23.43 15.36 -21.21
N TYR B 393 22.12 15.33 -21.03
CA TYR B 393 21.49 14.30 -20.19
C TYR B 393 20.24 13.70 -20.82
N PHE B 394 20.09 12.39 -20.62
CA PHE B 394 18.92 11.64 -21.06
C PHE B 394 17.72 11.96 -20.19
N GLY B 395 18.00 12.29 -18.93
CA GLY B 395 16.99 12.65 -17.95
C GLY B 395 17.66 13.09 -16.67
N ILE B 396 16.98 13.95 -15.91
CA ILE B 396 17.48 14.44 -14.62
C ILE B 396 16.38 14.33 -13.57
N GLY B 397 16.72 13.84 -12.37
CA GLY B 397 15.70 13.74 -11.34
C GLY B 397 16.18 13.19 -10.01
N HIS B 398 15.18 12.87 -9.16
CA HIS B 398 15.37 12.67 -7.72
C HIS B 398 16.08 13.84 -7.09
N SER B 399 15.41 14.99 -7.06
CA SER B 399 16.05 16.25 -6.74
C SER B 399 16.09 16.58 -5.25
N SER B 400 16.89 17.59 -4.92
CA SER B 400 16.99 18.13 -3.58
C SER B 400 17.41 19.59 -3.66
N ALA B 401 17.14 20.35 -2.60
CA ALA B 401 17.52 21.76 -2.53
C ALA B 401 18.07 22.09 -1.14
N TYR B 402 19.10 22.93 -1.11
CA TYR B 402 19.77 23.32 0.13
C TYR B 402 20.29 24.72 0.04
N GLN B 403 20.25 25.42 1.17
CA GLN B 403 20.86 26.74 1.25
C GLN B 403 22.16 26.69 2.02
N PHE B 404 23.26 26.92 1.32
CA PHE B 404 24.57 26.96 1.94
C PHE B 404 25.09 28.38 1.94
N ASP B 405 25.27 28.90 3.15
CA ASP B 405 25.47 30.33 3.39
C ASP B 405 24.23 31.09 2.89
N GLY B 406 24.40 31.97 1.92
CA GLY B 406 23.26 32.70 1.37
C GLY B 406 22.60 32.01 0.18
N GLN B 407 23.32 31.08 -0.44
CA GLN B 407 22.96 30.51 -1.73
C GLN B 407 22.05 29.29 -1.66
N TRP B 408 21.07 29.23 -2.56
CA TRP B 408 20.30 28.01 -2.76
C TRP B 408 20.98 27.17 -3.83
N TYR B 409 21.03 25.86 -3.58
CA TYR B 409 21.59 24.88 -4.52
C TYR B 409 20.54 23.85 -4.89
N PHE B 410 20.48 23.54 -6.17
CA PHE B 410 19.65 22.45 -6.68
C PHE B 410 20.55 21.25 -6.94
N MET B 411 20.15 20.09 -6.44
CA MET B 411 20.90 18.86 -6.68
C MET B 411 19.96 17.80 -7.23
N ALA B 412 20.51 16.88 -8.01
CA ALA B 412 19.76 15.74 -8.53
C ALA B 412 20.77 14.78 -9.09
N HIS B 413 20.32 13.63 -9.58
CA HIS B 413 21.19 12.84 -10.45
C HIS B 413 20.71 12.93 -11.90
N GLY B 414 21.66 12.83 -12.82
CA GLY B 414 21.36 12.88 -14.25
C GLY B 414 21.96 11.70 -14.96
N TYR B 415 21.27 11.25 -16.00
CA TYR B 415 21.74 10.12 -16.81
C TYR B 415 22.60 10.64 -17.94
N ALA B 416 23.91 10.55 -17.75
CA ALA B 416 24.86 11.27 -18.58
C ALA B 416 25.11 10.64 -19.94
N ARG B 417 24.91 11.44 -20.99
CA ARG B 417 25.20 11.04 -22.36
C ARG B 417 26.71 10.79 -22.51
N ALA B 418 27.50 11.70 -21.94
CA ALA B 418 28.97 11.52 -21.86
C ALA B 418 29.39 10.19 -21.23
N ASN B 419 28.52 9.60 -20.41
CA ASN B 419 28.82 8.36 -19.70
C ASN B 419 27.83 7.23 -20.01
N ASN B 420 27.29 7.22 -21.23
CA ASN B 420 26.38 6.16 -21.67
C ASN B 420 25.21 5.95 -20.71
N GLY B 421 24.65 7.05 -20.22
CA GLY B 421 23.48 6.99 -19.36
C GLY B 421 23.79 6.62 -17.92
N ALA B 422 25.07 6.46 -17.59
CA ALA B 422 25.44 6.25 -16.20
C ALA B 422 24.90 7.39 -15.34
N SER B 423 24.50 7.03 -14.13
CA SER B 423 23.88 7.97 -13.22
C SER B 423 24.93 8.88 -12.56
N LYS B 424 24.92 10.17 -12.90
CA LYS B 424 25.95 11.09 -12.41
C LYS B 424 25.41 12.26 -11.57
N LEU B 425 26.28 12.83 -10.74
CA LEU B 425 25.88 13.92 -9.84
C LEU B 425 25.62 15.22 -10.60
N VAL B 426 24.50 15.88 -10.26
CA VAL B 426 24.16 17.15 -10.86
C VAL B 426 23.89 18.19 -9.79
N ILE B 427 24.69 19.25 -9.76
CA ILE B 427 24.51 20.37 -8.84
C ILE B 427 24.49 21.70 -9.59
N ARG B 428 23.46 22.50 -9.35
CA ARG B 428 23.33 23.81 -9.97
C ARG B 428 22.89 24.85 -8.96
N LYS B 429 23.40 26.08 -9.10
CA LYS B 429 22.99 27.21 -8.27
C LYS B 429 21.55 27.58 -8.58
N MET B 430 20.78 27.89 -7.55
CA MET B 430 19.37 28.20 -7.71
C MET B 430 19.00 29.54 -7.09
N ASN B 431 18.24 30.34 -7.83
CA ASN B 431 17.74 31.61 -7.34
C ASN B 431 16.23 31.69 -7.53
N PHE B 432 15.61 32.71 -6.95
CA PHE B 432 14.17 32.92 -7.07
C PHE B 432 13.90 34.26 -7.72
N ASP B 433 13.17 34.27 -8.82
CA ASP B 433 12.90 35.52 -9.54
C ASP B 433 11.98 36.46 -8.76
N LYS B 434 11.73 37.64 -9.34
CA LYS B 434 10.85 38.64 -8.75
C LYS B 434 9.49 38.04 -8.39
N ASP B 435 8.98 37.16 -9.25
CA ASP B 435 7.69 36.51 -9.04
C ASP B 435 7.71 35.39 -7.98
N GLY B 436 8.90 34.96 -7.58
CA GLY B 436 9.03 33.95 -6.54
C GLY B 436 9.12 32.51 -7.03
N TRP B 437 9.71 32.32 -8.21
CA TRP B 437 9.86 31.00 -8.80
C TRP B 437 11.34 30.66 -8.95
N PRO B 438 11.70 29.40 -8.64
CA PRO B 438 13.12 29.03 -8.72
C PRO B 438 13.60 28.93 -10.16
N VAL B 439 14.74 29.57 -10.43
CA VAL B 439 15.46 29.40 -11.69
C VAL B 439 16.85 28.88 -11.35
N LEU B 440 17.33 27.92 -12.14
CA LEU B 440 18.67 27.41 -12.00
C LEU B 440 19.64 28.20 -12.86
N GLU B 441 20.82 28.45 -12.33
CA GLU B 441 21.88 29.09 -13.09
C GLU B 441 22.48 28.07 -14.05
N HIS B 442 22.27 28.31 -15.35
CA HIS B 442 22.84 27.47 -16.40
C HIS B 442 24.07 28.14 -17.01
N HIS B 443 24.79 27.41 -17.86
CA HIS B 443 25.96 27.95 -18.57
C HIS B 443 25.62 28.34 -20.02
N HIS B 444 26.56 28.97 -20.72
CA HIS B 444 26.29 29.56 -22.05
C HIS B 444 26.37 28.56 -23.21
N HIS B 445 25.21 28.24 -23.79
CA HIS B 445 25.12 27.37 -24.97
C HIS B 445 25.06 28.20 -26.25
P PO4 C . -15.18 3.63 -18.59
O1 PO4 C . -14.73 4.88 -19.29
O2 PO4 C . -14.05 3.07 -17.74
O3 PO4 C . -15.59 2.59 -19.60
O4 PO4 C . -16.36 3.96 -17.71
P PO4 D . 13.87 5.66 -7.19
O1 PO4 D . 13.16 6.65 -6.29
O2 PO4 D . 14.98 4.97 -6.44
O3 PO4 D . 14.46 6.39 -8.37
O4 PO4 D . 12.87 4.63 -7.66
P PO4 E . 23.65 23.56 -18.12
O1 PO4 E . 23.36 23.95 -16.69
O2 PO4 E . 24.67 22.46 -18.17
O3 PO4 E . 24.16 24.78 -18.84
O4 PO4 E . 22.38 23.08 -18.78
#